data_8C4Z
#
_entry.id   8C4Z
#
_cell.length_a   44.353
_cell.length_b   80.559
_cell.length_c   49.723
_cell.angle_alpha   90.00
_cell.angle_beta   96.97
_cell.angle_gamma   90.00
#
_symmetry.space_group_name_H-M   'P 1 21 1'
#
loop_
_entity.id
_entity.type
_entity.pdbx_description
1 polymer 'Extracellular serine proteinase'
2 polymer 'Extracellular serine proteinase'
3 non-polymer 'CALCIUM ION'
4 non-polymer 'MAGNESIUM ION'
5 non-polymer GLYCEROL
6 water water
#
loop_
_entity_poly.entity_id
_entity_poly.type
_entity_poly.pdbx_seq_one_letter_code
_entity_poly.pdbx_strand_id
1 'polypeptide(L)'
;NPPAASTQEAPLLGLEAPEAIPGRYIVVYKENADVLPALEALKAALEPGLMQPQGLQAQALRTLGLEGARVDKVYTAALR
GVAVEVPDQELARLRQDPRVAYIEADQEVRAF
;
A
2 'polypeptide(L)'
;PAMAAVQSPATWGLDRIDQRTLPLDGRYTYTATGAGVHAYVVDTGILLSHQEFTGRIGKGYDAITPGGSAQDCNGHGTHV
AGTIGGTTYGVAKGVTLHPVRVLDCNGSGSNSSVIAGLDWVTQNHVKPAVINMSLGGGASTALDTAVMNAINAGVTVVVA
AGNDNRDACFYSPARVTAAITVGATTSTDYRASFSNYGRCLDLFAPGQSITSAWYTSSTATNTISGTAMATPHVTGAAAL
YLQWYPTATPSQVASALLYYATPNVVKNAGRYSPNLLLYTPF
;
B
#
# COMPACT_ATOMS: atom_id res chain seq x y z
N ASN A 1 -24.92 -44.19 -16.77
CA ASN A 1 -23.58 -44.72 -16.48
C ASN A 1 -22.41 -43.76 -16.76
N PRO A 2 -22.46 -42.96 -17.83
CA PRO A 2 -21.52 -41.84 -17.93
C PRO A 2 -21.64 -40.98 -16.69
N PRO A 3 -20.54 -40.41 -16.21
CA PRO A 3 -20.59 -39.66 -14.95
C PRO A 3 -21.42 -38.38 -15.10
N ALA A 4 -21.96 -37.93 -13.97
CA ALA A 4 -22.74 -36.71 -13.95
C ALA A 4 -21.85 -35.52 -14.32
N ALA A 5 -22.49 -34.46 -14.81
CA ALA A 5 -21.78 -33.24 -15.11
C ALA A 5 -21.23 -32.61 -13.83
N SER A 6 -20.09 -31.94 -13.96
CA SER A 6 -19.50 -31.23 -12.83
C SER A 6 -20.45 -30.14 -12.37
N THR A 7 -20.50 -29.93 -11.06
CA THR A 7 -21.32 -28.88 -10.46
C THR A 7 -20.46 -27.75 -9.89
N GLN A 8 -19.23 -27.63 -10.34
CA GLN A 8 -18.29 -26.64 -9.83
C GLN A 8 -18.26 -25.45 -10.79
N GLU A 9 -18.53 -24.26 -10.27
CA GLU A 9 -18.31 -23.02 -11.03
C GLU A 9 -18.02 -21.89 -10.06
N ALA A 10 -16.76 -21.47 -10.00
CA ALA A 10 -16.40 -20.40 -9.09
C ALA A 10 -17.03 -19.08 -9.54
N PRO A 11 -17.43 -18.22 -8.60
CA PRO A 11 -17.85 -16.87 -8.98
C PRO A 11 -16.79 -16.15 -9.80
N LEU A 12 -17.24 -15.40 -10.81
CA LEU A 12 -16.38 -14.59 -11.66
C LEU A 12 -16.79 -13.13 -11.46
N LEU A 13 -15.92 -12.34 -10.84
CA LEU A 13 -16.27 -11.01 -10.35
C LEU A 13 -15.51 -9.92 -11.10
N GLY A 14 -16.16 -8.77 -11.27
CA GLY A 14 -15.48 -7.56 -11.72
C GLY A 14 -15.41 -7.34 -13.22
N LEU A 15 -15.98 -8.23 -14.02
CA LEU A 15 -15.87 -8.08 -15.47
C LEU A 15 -16.58 -6.83 -15.97
N GLU A 16 -17.58 -6.34 -15.24
CA GLU A 16 -18.37 -5.19 -15.65
C GLU A 16 -17.73 -3.85 -15.29
N ALA A 17 -16.70 -3.85 -14.46
CA ALA A 17 -16.11 -2.59 -14.01
C ALA A 17 -15.39 -1.90 -15.17
N PRO A 18 -15.49 -0.57 -15.26
CA PRO A 18 -14.83 0.13 -16.38
C PRO A 18 -13.32 -0.01 -16.38
N GLU A 19 -12.71 -0.29 -15.22
CA GLU A 19 -11.27 -0.43 -15.13
C GLU A 19 -10.80 -1.88 -15.29
N ALA A 20 -11.71 -2.81 -15.64
CA ALA A 20 -11.30 -4.20 -15.87
C ALA A 20 -10.28 -4.26 -17.01
N ILE A 21 -9.26 -5.10 -16.84
CA ILE A 21 -8.22 -5.29 -17.83
C ILE A 21 -8.56 -6.54 -18.62
N PRO A 22 -8.81 -6.45 -19.94
CA PRO A 22 -9.29 -7.61 -20.69
C PRO A 22 -8.31 -8.77 -20.66
N GLY A 23 -8.85 -9.97 -20.41
CA GLY A 23 -8.09 -11.20 -20.49
C GLY A 23 -7.21 -11.49 -19.29
N ARG A 24 -7.23 -10.67 -18.25
CA ARG A 24 -6.35 -10.87 -17.11
C ARG A 24 -7.19 -11.07 -15.85
N TYR A 25 -6.78 -12.03 -15.02
CA TYR A 25 -7.60 -12.48 -13.90
C TYR A 25 -6.73 -12.79 -12.69
N ILE A 26 -7.32 -12.64 -11.51
CA ILE A 26 -6.74 -13.09 -10.25
C ILE A 26 -7.56 -14.27 -9.76
N VAL A 27 -6.93 -15.44 -9.69
CA VAL A 27 -7.57 -16.67 -9.20
C VAL A 27 -7.26 -16.76 -7.72
N VAL A 28 -8.29 -16.85 -6.89
CA VAL A 28 -8.11 -16.92 -5.44
C VAL A 28 -8.57 -18.28 -4.94
N TYR A 29 -7.69 -18.97 -4.21
CA TYR A 29 -8.00 -20.31 -3.72
C TYR A 29 -8.66 -20.25 -2.35
N LYS A 30 -9.46 -21.29 -2.05
CA LYS A 30 -10.05 -21.46 -0.74
C LYS A 30 -8.96 -21.71 0.30
N GLU A 31 -9.25 -21.35 1.56
CA GLU A 31 -8.22 -21.52 2.58
C GLU A 31 -8.02 -22.98 2.96
N ASN A 32 -8.98 -23.85 2.65
CA ASN A 32 -8.87 -25.27 2.96
C ASN A 32 -8.22 -26.08 1.86
N ALA A 33 -7.80 -25.44 0.77
CA ALA A 33 -7.16 -26.12 -0.35
C ALA A 33 -5.68 -26.29 -0.07
N ASP A 34 -5.13 -27.44 -0.47
CA ASP A 34 -3.71 -27.73 -0.21
C ASP A 34 -2.82 -27.16 -1.31
N VAL A 35 -3.06 -25.91 -1.71
CA VAL A 35 -2.34 -25.31 -2.82
C VAL A 35 -1.00 -24.67 -2.45
N LEU A 36 -0.73 -24.47 -1.16
CA LEU A 36 0.44 -23.71 -0.75
C LEU A 36 1.75 -24.23 -1.33
N PRO A 37 2.08 -25.52 -1.23
CA PRO A 37 3.40 -25.95 -1.75
C PRO A 37 3.54 -25.77 -3.25
N ALA A 38 2.45 -25.96 -4.02
CA ALA A 38 2.52 -25.69 -5.45
C ALA A 38 2.77 -24.20 -5.73
N LEU A 39 2.06 -23.33 -5.01
CA LEU A 39 2.29 -21.90 -5.21
C LEU A 39 3.71 -21.51 -4.84
N GLU A 40 4.25 -22.08 -3.74
CA GLU A 40 5.61 -21.75 -3.33
C GLU A 40 6.61 -22.17 -4.40
N ALA A 41 6.39 -23.32 -5.03
CA ALA A 41 7.27 -23.74 -6.11
C ALA A 41 7.19 -22.79 -7.31
N LEU A 42 5.97 -22.33 -7.65
CA LEU A 42 5.84 -21.43 -8.79
C LEU A 42 6.49 -20.08 -8.50
N LYS A 43 6.32 -19.58 -7.28
CA LYS A 43 7.01 -18.34 -6.90
C LYS A 43 8.51 -18.49 -7.00
N ALA A 44 9.05 -19.61 -6.50
CA ALA A 44 10.50 -19.82 -6.54
C ALA A 44 11.01 -19.89 -7.97
N ALA A 45 10.22 -20.45 -8.89
CA ALA A 45 10.64 -20.51 -10.29
C ALA A 45 10.81 -19.13 -10.89
N LEU A 46 10.24 -18.09 -10.27
CA LEU A 46 10.38 -16.71 -10.73
C LEU A 46 11.43 -15.92 -9.94
N GLU A 47 12.01 -16.49 -8.89
CA GLU A 47 12.87 -15.72 -7.99
C GLU A 47 14.22 -15.42 -8.63
N PRO A 48 14.63 -14.15 -8.68
CA PRO A 48 15.95 -13.83 -9.24
C PRO A 48 17.07 -14.49 -8.44
N GLY A 49 18.10 -14.92 -9.16
CA GLY A 49 19.30 -15.49 -8.56
C GLY A 49 19.16 -16.92 -8.10
N LEU A 50 17.97 -17.51 -8.13
CA LEU A 50 17.74 -18.82 -7.54
C LEU A 50 17.72 -19.89 -8.62
N MET A 51 18.43 -20.98 -8.36
CA MET A 51 18.39 -22.14 -9.23
C MET A 51 17.36 -23.12 -8.68
N GLN A 52 16.49 -23.62 -9.57
CA GLN A 52 15.41 -24.53 -9.20
C GLN A 52 15.34 -25.67 -10.21
N PRO A 53 15.00 -26.87 -9.74
CA PRO A 53 14.83 -28.00 -10.65
C PRO A 53 13.54 -27.88 -11.45
N GLN A 54 13.63 -28.26 -12.73
CA GLN A 54 12.48 -28.19 -13.63
C GLN A 54 11.27 -28.92 -13.10
N GLY A 55 11.49 -30.01 -12.36
CA GLY A 55 10.40 -30.87 -11.95
C GLY A 55 9.44 -30.21 -10.97
N LEU A 56 9.95 -29.28 -10.15
CA LEU A 56 9.08 -28.59 -9.19
C LEU A 56 8.09 -27.69 -9.89
N GLN A 57 8.55 -26.88 -10.84
CA GLN A 57 7.64 -26.04 -11.63
C GLN A 57 6.66 -26.90 -12.41
N ALA A 58 7.15 -27.96 -13.05
CA ALA A 58 6.28 -28.80 -13.87
C ALA A 58 5.20 -29.45 -13.02
N GLN A 59 5.58 -29.94 -11.84
CA GLN A 59 4.61 -30.52 -10.91
C GLN A 59 3.58 -29.50 -10.44
N ALA A 60 4.03 -28.28 -10.11
CA ALA A 60 3.10 -27.24 -9.64
C ALA A 60 2.10 -26.85 -10.73
N LEU A 61 2.55 -26.74 -11.98
CA LEU A 61 1.64 -26.43 -13.07
C LEU A 61 0.58 -27.52 -13.23
N ARG A 62 0.97 -28.79 -13.04
CA ARG A 62 0.00 -29.88 -13.09
C ARG A 62 -0.97 -29.82 -11.92
N THR A 63 -0.44 -29.63 -10.71
CA THR A 63 -1.28 -29.63 -9.52
C THR A 63 -2.36 -28.57 -9.61
N LEU A 64 -2.00 -27.41 -10.15
CA LEU A 64 -2.91 -26.27 -10.22
C LEU A 64 -3.66 -26.18 -11.54
N GLY A 65 -3.38 -27.07 -12.48
CA GLY A 65 -4.04 -27.00 -13.77
C GLY A 65 -3.72 -25.74 -14.55
N LEU A 66 -2.49 -25.25 -14.45
CA LEU A 66 -2.06 -24.02 -15.09
C LEU A 66 -1.11 -24.26 -16.26
N GLU A 67 -1.06 -25.49 -16.79
CA GLU A 67 -0.24 -25.76 -17.95
C GLU A 67 -0.71 -24.87 -19.11
N GLY A 68 0.25 -24.26 -19.80
CA GLY A 68 -0.08 -23.40 -20.92
C GLY A 68 -0.59 -22.02 -20.56
N ALA A 69 -1.11 -21.86 -19.34
CA ALA A 69 -1.57 -20.54 -18.89
C ALA A 69 -0.37 -19.64 -18.59
N ARG A 70 -0.55 -18.35 -18.90
CA ARG A 70 0.49 -17.36 -18.69
CA ARG A 70 0.50 -17.34 -18.68
C ARG A 70 0.37 -16.84 -17.26
N VAL A 71 1.13 -17.44 -16.35
CA VAL A 71 1.14 -17.04 -14.94
C VAL A 71 2.15 -15.90 -14.77
N ASP A 72 1.67 -14.74 -14.28
CA ASP A 72 2.47 -13.53 -14.15
C ASP A 72 2.87 -13.25 -12.71
N LYS A 73 1.99 -13.54 -11.75
CA LYS A 73 2.24 -13.33 -10.33
C LYS A 73 1.72 -14.52 -9.56
N VAL A 74 2.39 -14.82 -8.45
CA VAL A 74 2.02 -15.93 -7.57
C VAL A 74 1.96 -15.39 -6.15
N TYR A 75 0.87 -15.70 -5.44
CA TYR A 75 0.66 -15.17 -4.10
C TYR A 75 0.61 -16.31 -3.10
N THR A 76 1.35 -16.16 -2.00
CA THR A 76 1.36 -17.19 -0.97
C THR A 76 1.08 -16.64 0.43
N ALA A 77 1.39 -15.36 0.66
CA ALA A 77 1.40 -14.81 2.01
C ALA A 77 0.27 -13.83 2.27
N ALA A 78 0.09 -12.85 1.39
CA ALA A 78 -1.04 -11.95 1.51
C ALA A 78 -2.34 -12.58 1.00
N LEU A 79 -2.23 -13.69 0.28
CA LEU A 79 -3.32 -14.32 -0.44
C LEU A 79 -2.76 -15.62 -0.97
N ARG A 80 -3.64 -16.62 -1.18
CA ARG A 80 -3.29 -17.83 -1.93
C ARG A 80 -3.93 -17.70 -3.31
N GLY A 81 -3.12 -17.50 -4.34
CA GLY A 81 -3.69 -17.26 -5.66
C GLY A 81 -2.61 -17.01 -6.70
N VAL A 82 -3.08 -16.75 -7.93
CA VAL A 82 -2.22 -16.45 -9.07
C VAL A 82 -2.87 -15.36 -9.91
N ALA A 83 -2.04 -14.60 -10.61
CA ALA A 83 -2.51 -13.70 -11.66
C ALA A 83 -2.15 -14.33 -13.00
N VAL A 84 -3.15 -14.45 -13.88
CA VAL A 84 -3.01 -15.19 -15.13
C VAL A 84 -3.62 -14.39 -16.27
N GLU A 85 -3.16 -14.71 -17.48
CA GLU A 85 -3.78 -14.19 -18.71
C GLU A 85 -4.18 -15.42 -19.52
N VAL A 86 -5.49 -15.66 -19.65
CA VAL A 86 -5.99 -16.87 -20.29
C VAL A 86 -7.15 -16.53 -21.18
N PRO A 87 -7.36 -17.33 -22.24
CA PRO A 87 -8.56 -17.18 -23.07
C PRO A 87 -9.79 -17.74 -22.36
N ASP A 88 -10.96 -17.50 -22.98
CA ASP A 88 -12.23 -17.80 -22.33
C ASP A 88 -12.38 -19.28 -21.97
N GLN A 89 -12.00 -20.17 -22.89
CA GLN A 89 -12.17 -21.60 -22.62
C GLN A 89 -11.33 -22.02 -21.42
N GLU A 90 -10.09 -21.52 -21.33
CA GLU A 90 -9.25 -21.85 -20.20
C GLU A 90 -9.79 -21.25 -18.92
N LEU A 91 -10.32 -20.03 -18.99
CA LEU A 91 -10.96 -19.44 -17.82
C LEU A 91 -12.10 -20.33 -17.32
N ALA A 92 -12.92 -20.85 -18.25
CA ALA A 92 -14.03 -21.70 -17.84
C ALA A 92 -13.53 -22.96 -17.16
N ARG A 93 -12.41 -23.53 -17.63
CA ARG A 93 -11.85 -24.70 -16.98
C ARG A 93 -11.36 -24.39 -15.57
N LEU A 94 -10.69 -23.24 -15.41
CA LEU A 94 -10.22 -22.86 -14.07
C LEU A 94 -11.37 -22.69 -13.10
N ARG A 95 -12.54 -22.22 -13.58
CA ARG A 95 -13.68 -22.08 -12.69
C ARG A 95 -14.26 -23.41 -12.23
N GLN A 96 -13.91 -24.51 -12.88
CA GLN A 96 -14.40 -25.82 -12.47
C GLN A 96 -13.54 -26.47 -11.41
N ASP A 97 -12.45 -25.83 -11.00
CA ASP A 97 -11.59 -26.38 -9.97
C ASP A 97 -12.26 -26.14 -8.62
N PRO A 98 -12.56 -27.19 -7.84
CA PRO A 98 -13.26 -26.95 -6.56
C PRO A 98 -12.40 -26.24 -5.52
N ARG A 99 -11.09 -26.18 -5.70
CA ARG A 99 -10.25 -25.44 -4.78
C ARG A 99 -10.32 -23.93 -4.95
N VAL A 100 -10.95 -23.45 -6.02
CA VAL A 100 -10.99 -22.03 -6.32
C VAL A 100 -12.18 -21.39 -5.61
N ALA A 101 -11.89 -20.36 -4.80
CA ALA A 101 -12.96 -19.63 -4.10
C ALA A 101 -13.69 -18.70 -5.04
N TYR A 102 -12.94 -17.93 -5.83
CA TYR A 102 -13.49 -17.01 -6.82
C TYR A 102 -12.37 -16.58 -7.74
N ILE A 103 -12.76 -16.00 -8.88
CA ILE A 103 -11.83 -15.37 -9.81
C ILE A 103 -12.32 -13.95 -10.04
N GLU A 104 -11.40 -13.00 -9.98
CA GLU A 104 -11.65 -11.58 -10.20
C GLU A 104 -10.95 -11.17 -11.48
N ALA A 105 -11.65 -10.44 -12.34
CA ALA A 105 -10.96 -9.71 -13.40
C ALA A 105 -9.97 -8.75 -12.76
N ASP A 106 -8.75 -8.74 -13.29
CA ASP A 106 -7.79 -7.72 -12.87
C ASP A 106 -8.32 -6.34 -13.25
N GLN A 107 -7.92 -5.33 -12.47
CA GLN A 107 -8.44 -3.98 -12.58
C GLN A 107 -7.32 -2.98 -12.50
N GLU A 108 -7.45 -1.87 -13.21
CA GLU A 108 -6.46 -0.80 -13.12
C GLU A 108 -6.56 -0.08 -11.78
N VAL A 109 -5.40 0.27 -11.23
CA VAL A 109 -5.25 1.06 -10.01
C VAL A 109 -4.42 2.29 -10.36
N ARG A 110 -4.64 3.39 -9.64
CA ARG A 110 -3.90 4.62 -9.89
C ARG A 110 -3.34 5.19 -8.59
N ALA A 111 -2.22 5.92 -8.71
CA ALA A 111 -1.72 6.73 -7.61
C ALA A 111 -2.74 7.81 -7.26
N PHE A 112 -2.86 8.09 -5.96
CA PHE A 112 -3.81 9.09 -5.44
C PHE A 112 -3.17 10.45 -5.15
N PRO B 1 19.86 8.43 26.33
CA PRO B 1 18.55 8.87 25.86
C PRO B 1 18.63 10.01 24.86
N ALA B 2 17.68 10.06 23.95
CA ALA B 2 17.66 11.10 22.94
C ALA B 2 17.21 12.44 23.56
N MET B 3 17.45 13.51 22.81
CA MET B 3 16.95 14.83 23.15
C MET B 3 16.05 15.30 22.02
N ALA B 4 15.04 16.11 22.38
CA ALA B 4 14.13 16.63 21.38
C ALA B 4 14.90 17.50 20.38
N ALA B 5 14.40 17.51 19.14
CA ALA B 5 14.99 18.31 18.08
C ALA B 5 13.94 19.27 17.53
N VAL B 6 14.40 20.38 16.98
CA VAL B 6 13.55 21.38 16.35
C VAL B 6 14.01 21.58 14.91
N GLN B 7 13.11 21.38 13.97
CA GLN B 7 13.35 21.74 12.57
C GLN B 7 12.64 23.07 12.28
N SER B 8 13.40 24.06 11.86
CA SER B 8 12.84 25.35 11.51
C SER B 8 13.76 26.00 10.49
N PRO B 9 13.25 26.38 9.31
CA PRO B 9 11.86 26.27 8.88
C PRO B 9 11.46 24.84 8.54
N ALA B 10 10.17 24.57 8.58
CA ALA B 10 9.62 23.28 8.20
C ALA B 10 8.48 23.53 7.23
N THR B 11 8.31 22.60 6.28
CA THR B 11 7.18 22.68 5.36
C THR B 11 5.86 22.56 6.14
N TRP B 12 4.78 23.08 5.55
CA TRP B 12 3.57 23.34 6.35
C TRP B 12 2.98 22.06 6.94
N GLY B 13 2.99 20.95 6.18
CA GLY B 13 2.39 19.73 6.69
C GLY B 13 3.05 19.23 7.95
N LEU B 14 4.39 19.16 7.96
CA LEU B 14 5.10 18.84 9.20
C LEU B 14 4.81 19.88 10.28
N ASP B 15 4.81 21.15 9.90
CA ASP B 15 4.53 22.23 10.85
C ASP B 15 3.18 22.01 11.54
N ARG B 16 2.19 21.50 10.82
CA ARG B 16 0.85 21.39 11.37
C ARG B 16 0.74 20.25 12.38
N ILE B 17 1.42 19.13 12.12
CA ILE B 17 1.15 17.90 12.88
C ILE B 17 1.79 17.87 14.25
N ASP B 18 2.70 18.80 14.58
CA ASP B 18 3.27 18.86 15.92
C ASP B 18 2.56 19.85 16.83
N GLN B 19 1.37 20.30 16.46
CA GLN B 19 0.62 21.25 17.28
C GLN B 19 -0.88 20.98 17.17
N ARG B 20 -1.61 21.48 18.17
CA ARG B 20 -3.06 21.30 18.22
C ARG B 20 -3.80 22.35 17.40
N THR B 21 -3.42 23.62 17.55
CA THR B 21 -4.20 24.72 16.97
C THR B 21 -3.37 25.50 15.96
N LEU B 22 -4.07 26.16 15.05
CA LEU B 22 -3.48 27.22 14.24
C LEU B 22 -3.35 28.49 15.09
N PRO B 23 -2.45 29.42 14.72
CA PRO B 23 -1.59 29.48 13.53
C PRO B 23 -0.35 28.58 13.57
N LEU B 24 0.14 28.23 12.39
CA LEU B 24 1.41 27.51 12.25
C LEU B 24 2.55 28.35 12.81
N ASP B 25 3.60 27.69 13.31
CA ASP B 25 4.72 28.40 13.90
C ASP B 25 6.01 28.23 13.11
N GLY B 26 5.95 27.59 11.94
CA GLY B 26 7.13 27.36 11.13
C GLY B 26 8.09 26.33 11.65
N ARG B 27 7.67 25.49 12.61
CA ARG B 27 8.57 24.57 13.29
C ARG B 27 7.96 23.18 13.33
N TYR B 28 8.81 22.16 13.20
CA TYR B 28 8.43 20.77 13.40
C TYR B 28 9.34 20.18 14.46
N THR B 29 8.75 19.64 15.51
CA THR B 29 9.50 19.13 16.65
C THR B 29 9.29 17.63 16.79
N TYR B 30 10.34 16.91 17.19
CA TYR B 30 10.28 15.48 17.35
C TYR B 30 11.37 15.03 18.30
N THR B 31 11.17 13.85 18.89
CA THR B 31 12.23 13.18 19.63
C THR B 31 12.63 11.87 18.96
N ALA B 32 11.69 10.94 18.83
CA ALA B 32 11.95 9.75 18.04
C ALA B 32 12.17 10.13 16.59
N THR B 33 12.84 9.25 15.86
CA THR B 33 13.08 9.46 14.44
C THR B 33 12.59 8.30 13.58
N GLY B 34 12.05 7.24 14.18
CA GLY B 34 11.78 6.04 13.41
C GLY B 34 12.98 5.15 13.19
N ALA B 35 14.08 5.38 13.90
CA ALA B 35 15.25 4.52 13.74
C ALA B 35 14.91 3.09 14.11
N GLY B 36 15.31 2.15 13.26
CA GLY B 36 15.00 0.75 13.47
C GLY B 36 13.66 0.31 12.93
N VAL B 37 12.84 1.23 12.43
CA VAL B 37 11.52 0.92 11.91
C VAL B 37 11.60 0.85 10.39
N HIS B 38 10.78 -0.01 9.80
CA HIS B 38 10.80 -0.28 8.37
C HIS B 38 9.48 0.16 7.75
N ALA B 39 9.55 1.14 6.85
CA ALA B 39 8.38 1.65 6.14
C ALA B 39 8.43 1.16 4.69
N TYR B 40 7.39 0.45 4.27
CA TYR B 40 7.30 -0.15 2.94
C TYR B 40 6.38 0.72 2.12
N VAL B 41 6.94 1.38 1.11
CA VAL B 41 6.23 2.37 0.31
C VAL B 41 5.75 1.66 -0.94
N VAL B 42 4.45 1.34 -0.97
CA VAL B 42 3.83 0.60 -2.06
C VAL B 42 3.31 1.63 -3.05
N ASP B 43 4.06 1.88 -4.14
CA ASP B 43 3.84 3.07 -4.97
C ASP B 43 4.55 2.95 -6.33
N THR B 44 5.00 4.09 -6.89
CA THR B 44 5.72 4.07 -8.16
C THR B 44 7.20 3.73 -8.02
N GLY B 45 7.64 3.36 -6.82
CA GLY B 45 9.06 3.21 -6.54
C GLY B 45 9.59 4.40 -5.76
N ILE B 46 10.89 4.39 -5.53
CA ILE B 46 11.58 5.50 -4.87
C ILE B 46 12.84 5.82 -5.67
N LEU B 47 13.18 7.10 -5.80
CA LEU B 47 14.48 7.44 -6.36
C LEU B 47 15.54 7.02 -5.34
N LEU B 48 16.26 5.93 -5.62
CA LEU B 48 17.15 5.35 -4.62
C LEU B 48 18.28 6.30 -4.25
N SER B 49 18.63 7.22 -5.14
CA SER B 49 19.75 8.14 -4.94
C SER B 49 19.33 9.49 -4.35
N HIS B 50 18.09 9.66 -3.91
CA HIS B 50 17.72 10.99 -3.44
C HIS B 50 18.44 11.32 -2.15
N GLN B 51 18.92 12.56 -2.06
CA GLN B 51 19.63 13.00 -0.87
CA GLN B 51 19.63 13.02 -0.87
C GLN B 51 18.75 12.91 0.37
N GLU B 52 17.42 13.00 0.20
CA GLU B 52 16.52 12.93 1.35
C GLU B 52 16.59 11.61 2.08
N PHE B 53 17.08 10.55 1.43
CA PHE B 53 17.05 9.21 1.98
C PHE B 53 18.44 8.62 2.21
N THR B 54 19.50 9.42 2.09
CA THR B 54 20.86 8.90 2.11
C THR B 54 21.12 7.92 3.24
N GLY B 55 21.53 6.71 2.86
CA GLY B 55 21.91 5.70 3.82
C GLY B 55 20.78 4.92 4.42
N ARG B 56 19.53 5.22 4.04
CA ARG B 56 18.37 4.64 4.71
C ARG B 56 17.41 3.93 3.75
N ILE B 57 17.87 3.54 2.58
CA ILE B 57 17.08 2.74 1.65
C ILE B 57 17.33 1.28 1.92
N GLY B 58 16.26 0.52 2.17
CA GLY B 58 16.34 -0.92 2.36
C GLY B 58 15.94 -1.69 1.12
N LYS B 59 16.03 -3.01 1.21
CA LYS B 59 15.72 -3.86 0.07
C LYS B 59 14.25 -3.74 -0.31
N GLY B 60 13.98 -3.86 -1.61
CA GLY B 60 12.62 -3.72 -2.07
C GLY B 60 12.17 -4.78 -3.07
N TYR B 61 11.11 -4.46 -3.80
CA TYR B 61 10.49 -5.42 -4.70
C TYR B 61 9.85 -4.64 -5.84
N ASP B 62 10.06 -5.13 -7.06
CA ASP B 62 9.58 -4.49 -8.28
C ASP B 62 8.54 -5.42 -8.92
N ALA B 63 7.27 -5.02 -8.86
CA ALA B 63 6.23 -5.82 -9.49
C ALA B 63 6.10 -5.51 -10.98
N ILE B 64 6.72 -4.45 -11.45
CA ILE B 64 6.62 -4.05 -12.85
C ILE B 64 7.62 -4.81 -13.73
N THR B 65 8.81 -5.06 -13.20
CA THR B 65 9.78 -5.84 -13.95
C THR B 65 10.45 -6.83 -13.01
N PRO B 66 10.38 -8.14 -13.29
CA PRO B 66 10.95 -9.13 -12.36
C PRO B 66 12.42 -8.84 -12.09
N GLY B 67 12.78 -8.77 -10.81
CA GLY B 67 14.16 -8.51 -10.44
C GLY B 67 14.61 -7.06 -10.57
N GLY B 68 13.72 -6.15 -10.93
CA GLY B 68 14.11 -4.76 -11.05
C GLY B 68 14.44 -4.14 -9.70
N SER B 69 15.00 -2.93 -9.78
CA SER B 69 15.47 -2.22 -8.60
C SER B 69 14.39 -1.39 -7.92
N ALA B 70 13.19 -1.33 -8.48
CA ALA B 70 12.08 -0.55 -7.90
C ALA B 70 12.37 0.95 -7.87
N GLN B 71 13.21 1.42 -8.80
CA GLN B 71 13.46 2.85 -8.91
C GLN B 71 12.23 3.57 -9.43
N ASP B 72 12.00 4.77 -8.90
CA ASP B 72 10.89 5.60 -9.32
C ASP B 72 11.22 6.30 -10.63
N CYS B 73 10.28 6.21 -11.58
CA CYS B 73 10.38 6.94 -12.84
CA CYS B 73 10.37 6.91 -12.85
C CYS B 73 9.18 7.85 -13.06
N ASN B 74 8.42 8.14 -12.00
CA ASN B 74 7.23 8.98 -12.06
C ASN B 74 7.31 10.18 -11.13
N GLY B 75 7.80 9.97 -9.90
CA GLY B 75 7.93 11.01 -8.89
C GLY B 75 7.02 10.81 -7.69
N HIS B 76 5.84 10.22 -7.91
CA HIS B 76 4.83 10.07 -6.85
C HIS B 76 5.40 9.32 -5.65
N GLY B 77 6.03 8.17 -5.90
CA GLY B 77 6.57 7.36 -4.81
C GLY B 77 7.70 8.05 -4.06
N THR B 78 8.52 8.82 -4.78
CA THR B 78 9.59 9.57 -4.13
C THR B 78 9.01 10.67 -3.24
N HIS B 79 7.95 11.35 -3.70
CA HIS B 79 7.31 12.40 -2.93
C HIS B 79 6.69 11.81 -1.67
N VAL B 80 5.98 10.70 -1.83
CA VAL B 80 5.35 10.01 -0.70
C VAL B 80 6.42 9.56 0.30
N ALA B 81 7.49 8.92 -0.20
CA ALA B 81 8.56 8.48 0.68
C ALA B 81 9.22 9.65 1.39
N GLY B 82 9.36 10.79 0.70
CA GLY B 82 9.94 11.96 1.34
C GLY B 82 9.11 12.47 2.51
N THR B 83 7.78 12.40 2.41
CA THR B 83 6.94 12.82 3.54
C THR B 83 7.04 11.84 4.71
N ILE B 84 7.18 10.55 4.43
CA ILE B 84 7.36 9.59 5.52
C ILE B 84 8.67 9.84 6.24
N GLY B 85 9.77 9.92 5.49
CA GLY B 85 11.08 9.78 6.09
C GLY B 85 12.22 10.57 5.47
N GLY B 86 11.93 11.61 4.70
CA GLY B 86 13.00 12.44 4.17
C GLY B 86 13.61 13.31 5.26
N THR B 87 14.93 13.50 5.17
CA THR B 87 15.64 14.34 6.14
C THR B 87 14.99 15.71 6.29
N THR B 88 14.68 16.36 5.15
CA THR B 88 14.05 17.68 5.21
C THR B 88 12.53 17.61 5.26
N TYR B 89 11.91 16.76 4.45
CA TYR B 89 10.47 16.82 4.26
C TYR B 89 9.70 15.77 5.03
N GLY B 90 10.38 14.94 5.83
CA GLY B 90 9.78 13.76 6.42
C GLY B 90 9.43 13.87 7.89
N VAL B 91 8.41 13.08 8.28
CA VAL B 91 7.99 13.00 9.68
C VAL B 91 9.00 12.21 10.51
N ALA B 92 9.49 11.09 9.99
CA ALA B 92 10.35 10.15 10.69
C ALA B 92 11.71 10.10 9.99
N LYS B 93 12.61 10.98 10.44
CA LYS B 93 13.84 11.27 9.70
C LYS B 93 14.92 10.19 9.85
N GLY B 94 14.65 9.12 10.59
CA GLY B 94 15.60 8.04 10.74
C GLY B 94 15.06 6.69 10.30
N VAL B 95 13.86 6.67 9.74
CA VAL B 95 13.23 5.42 9.30
C VAL B 95 13.98 4.80 8.12
N THR B 96 13.88 3.49 7.99
CA THR B 96 14.34 2.78 6.79
C THR B 96 13.18 2.69 5.80
N LEU B 97 13.45 3.07 4.55
CA LEU B 97 12.42 3.13 3.51
C LEU B 97 12.68 2.01 2.50
N HIS B 98 11.66 1.20 2.26
CA HIS B 98 11.73 0.09 1.32
C HIS B 98 10.86 0.38 0.11
N PRO B 99 11.41 0.40 -1.10
CA PRO B 99 10.60 0.69 -2.30
C PRO B 99 9.89 -0.57 -2.78
N VAL B 100 8.57 -0.47 -2.90
CA VAL B 100 7.75 -1.58 -3.41
C VAL B 100 7.01 -1.02 -4.62
N ARG B 101 7.60 -1.21 -5.79
CA ARG B 101 7.12 -0.58 -7.02
C ARG B 101 6.00 -1.41 -7.62
N VAL B 102 4.78 -0.89 -7.55
CA VAL B 102 3.60 -1.55 -8.08
C VAL B 102 2.90 -0.74 -9.16
N LEU B 103 3.33 0.50 -9.38
CA LEU B 103 2.78 1.37 -10.42
C LEU B 103 3.91 1.72 -11.36
N ASP B 104 3.56 1.90 -12.64
CA ASP B 104 4.53 2.18 -13.70
C ASP B 104 4.93 3.65 -13.71
N CYS B 105 5.67 4.05 -14.76
CA CYS B 105 6.17 5.42 -14.85
CA CYS B 105 6.16 5.42 -14.86
C CYS B 105 5.04 6.43 -15.03
N ASN B 106 3.84 5.99 -15.40
CA ASN B 106 2.69 6.89 -15.52
C ASN B 106 1.79 6.88 -14.28
N GLY B 107 2.20 6.20 -13.22
CA GLY B 107 1.39 6.11 -12.01
C GLY B 107 0.27 5.10 -12.08
N SER B 108 0.29 4.20 -13.05
CA SER B 108 -0.78 3.23 -13.25
CA SER B 108 -0.78 3.23 -13.25
C SER B 108 -0.27 1.82 -12.98
N GLY B 109 -1.15 1.00 -12.46
CA GLY B 109 -0.84 -0.39 -12.22
C GLY B 109 -2.11 -1.21 -12.20
N SER B 110 -2.05 -2.35 -11.52
CA SER B 110 -3.19 -3.24 -11.47
C SER B 110 -3.37 -3.77 -10.06
N ASN B 111 -4.57 -4.28 -9.78
CA ASN B 111 -4.77 -5.04 -8.56
C ASN B 111 -3.72 -6.13 -8.42
N SER B 112 -3.40 -6.83 -9.52
CA SER B 112 -2.44 -7.92 -9.43
C SER B 112 -1.05 -7.44 -9.02
N SER B 113 -0.61 -6.27 -9.49
CA SER B 113 0.70 -5.76 -9.08
CA SER B 113 0.69 -5.76 -9.08
C SER B 113 0.67 -5.30 -7.63
N VAL B 114 -0.40 -4.63 -7.21
CA VAL B 114 -0.50 -4.18 -5.82
C VAL B 114 -0.48 -5.37 -4.88
N ILE B 115 -1.26 -6.41 -5.21
CA ILE B 115 -1.30 -7.60 -4.37
C ILE B 115 0.07 -8.28 -4.32
N ALA B 116 0.79 -8.29 -5.45
CA ALA B 116 2.16 -8.82 -5.46
C ALA B 116 3.06 -8.05 -4.48
N GLY B 117 2.94 -6.72 -4.46
CA GLY B 117 3.72 -5.95 -3.50
C GLY B 117 3.35 -6.29 -2.07
N LEU B 118 2.05 -6.35 -1.77
CA LEU B 118 1.60 -6.73 -0.42
C LEU B 118 2.06 -8.13 -0.06
N ASP B 119 2.06 -9.05 -1.03
CA ASP B 119 2.52 -10.41 -0.76
C ASP B 119 3.99 -10.40 -0.37
N TRP B 120 4.81 -9.64 -1.11
CA TRP B 120 6.24 -9.57 -0.81
C TRP B 120 6.48 -8.99 0.58
N VAL B 121 5.79 -7.89 0.92
CA VAL B 121 5.97 -7.30 2.26
C VAL B 121 5.50 -8.27 3.34
N THR B 122 4.35 -8.91 3.15
CA THR B 122 3.85 -9.81 4.20
C THR B 122 4.88 -10.92 4.46
N GLN B 123 5.47 -11.45 3.40
CA GLN B 123 6.46 -12.51 3.53
C GLN B 123 7.78 -11.99 4.12
N ASN B 124 8.26 -10.83 3.68
CA ASN B 124 9.66 -10.45 3.90
C ASN B 124 9.86 -9.25 4.80
N HIS B 125 8.81 -8.65 5.35
CA HIS B 125 9.02 -7.46 6.15
C HIS B 125 9.85 -7.80 7.40
N VAL B 126 10.48 -6.77 7.94
CA VAL B 126 11.19 -6.85 9.22
C VAL B 126 10.43 -5.94 10.18
N LYS B 127 10.10 -6.47 11.36
CA LYS B 127 9.39 -5.68 12.35
C LYS B 127 10.37 -4.81 13.15
N PRO B 128 9.93 -3.64 13.62
CA PRO B 128 8.59 -3.07 13.41
C PRO B 128 8.37 -2.51 12.00
N ALA B 129 7.17 -2.71 11.45
CA ALA B 129 6.92 -2.50 10.04
C ALA B 129 5.60 -1.79 9.80
N VAL B 130 5.58 -0.91 8.81
CA VAL B 130 4.37 -0.21 8.42
C VAL B 130 4.35 -0.09 6.91
N ILE B 131 3.17 -0.23 6.31
CA ILE B 131 2.96 -0.13 4.86
C ILE B 131 2.21 1.15 4.58
N ASN B 132 2.64 1.88 3.54
CA ASN B 132 1.95 3.07 3.05
C ASN B 132 1.35 2.75 1.68
N MET B 133 0.03 2.95 1.53
CA MET B 133 -0.65 2.73 0.24
C MET B 133 -1.33 4.02 -0.21
N SER B 134 -0.59 4.87 -0.91
CA SER B 134 -1.12 6.13 -1.45
C SER B 134 -1.73 5.92 -2.84
N LEU B 135 -2.64 4.96 -2.94
CA LEU B 135 -3.17 4.51 -4.22
C LEU B 135 -4.45 3.73 -3.93
N GLY B 136 -5.19 3.42 -4.98
CA GLY B 136 -6.40 2.63 -4.81
C GLY B 136 -7.20 2.55 -6.10
N GLY B 137 -8.39 1.99 -5.95
CA GLY B 137 -9.26 1.80 -7.08
C GLY B 137 -10.63 1.32 -6.65
N GLY B 138 -11.30 0.67 -7.60
CA GLY B 138 -12.62 0.15 -7.31
C GLY B 138 -12.59 -0.98 -6.30
N ALA B 139 -13.77 -1.26 -5.73
CA ALA B 139 -13.90 -2.29 -4.70
C ALA B 139 -13.37 -3.62 -5.21
N SER B 140 -12.56 -4.29 -4.39
CA SER B 140 -11.96 -5.57 -4.77
C SER B 140 -11.83 -6.45 -3.54
N THR B 141 -12.52 -7.60 -3.55
CA THR B 141 -12.38 -8.55 -2.46
C THR B 141 -10.95 -9.05 -2.33
N ALA B 142 -10.30 -9.33 -3.46
CA ALA B 142 -8.93 -9.84 -3.41
C ALA B 142 -7.98 -8.83 -2.79
N LEU B 143 -8.08 -7.55 -3.20
CA LEU B 143 -7.19 -6.54 -2.65
C LEU B 143 -7.46 -6.32 -1.17
N ASP B 144 -8.74 -6.29 -0.79
CA ASP B 144 -9.08 -6.12 0.62
C ASP B 144 -8.50 -7.27 1.46
N THR B 145 -8.61 -8.50 0.96
CA THR B 145 -8.08 -9.64 1.67
C THR B 145 -6.57 -9.55 1.84
N ALA B 146 -5.85 -9.16 0.78
CA ALA B 146 -4.40 -9.03 0.89
C ALA B 146 -4.03 -8.00 1.96
N VAL B 147 -4.75 -6.88 2.01
CA VAL B 147 -4.49 -5.88 3.06
C VAL B 147 -4.74 -6.48 4.44
N MET B 148 -5.87 -7.19 4.60
CA MET B 148 -6.19 -7.80 5.89
CA MET B 148 -6.17 -7.77 5.90
C MET B 148 -5.13 -8.80 6.31
N ASN B 149 -4.59 -9.56 5.36
CA ASN B 149 -3.59 -10.56 5.70
C ASN B 149 -2.26 -9.91 6.09
N ALA B 150 -1.90 -8.78 5.47
CA ALA B 150 -0.75 -8.01 5.95
C ALA B 150 -0.97 -7.54 7.38
N ILE B 151 -2.16 -7.01 7.68
CA ILE B 151 -2.45 -6.55 9.03
C ILE B 151 -2.40 -7.72 10.02
N ASN B 152 -2.92 -8.88 9.62
CA ASN B 152 -2.92 -10.04 10.50
C ASN B 152 -1.52 -10.56 10.75
N ALA B 153 -0.61 -10.35 9.79
CA ALA B 153 0.80 -10.69 9.98
C ALA B 153 1.51 -9.72 10.89
N GLY B 154 0.86 -8.65 11.32
CA GLY B 154 1.45 -7.74 12.27
C GLY B 154 1.96 -6.45 11.68
N VAL B 155 1.59 -6.11 10.46
CA VAL B 155 2.09 -4.93 9.78
C VAL B 155 0.95 -3.91 9.70
N THR B 156 1.18 -2.72 10.22
CA THR B 156 0.17 -1.66 10.11
C THR B 156 0.10 -1.22 8.66
N VAL B 157 -1.11 -1.01 8.16
CA VAL B 157 -1.33 -0.59 6.78
C VAL B 157 -2.06 0.74 6.79
N VAL B 158 -1.45 1.77 6.21
CA VAL B 158 -2.01 3.11 6.14
C VAL B 158 -2.36 3.37 4.68
N VAL B 159 -3.61 3.77 4.42
CA VAL B 159 -4.14 3.87 3.06
C VAL B 159 -4.82 5.22 2.83
N ALA B 160 -4.75 5.70 1.59
CA ALA B 160 -5.36 6.99 1.24
C ALA B 160 -6.86 6.84 1.05
N ALA B 161 -7.63 7.85 1.51
CA ALA B 161 -9.08 7.78 1.37
C ALA B 161 -9.56 7.86 -0.08
N GLY B 162 -8.79 8.49 -0.96
CA GLY B 162 -9.22 8.76 -2.32
C GLY B 162 -9.61 10.23 -2.52
N ASN B 163 -9.71 10.63 -3.80
CA ASN B 163 -9.76 12.03 -4.20
C ASN B 163 -11.01 12.39 -5.00
N ASP B 164 -12.12 11.71 -4.73
CA ASP B 164 -13.36 11.84 -5.48
C ASP B 164 -14.40 12.73 -4.81
N ASN B 165 -14.10 13.27 -3.63
CA ASN B 165 -15.12 13.97 -2.84
C ASN B 165 -16.37 13.11 -2.67
N ARG B 166 -16.15 11.83 -2.37
CA ARG B 166 -17.23 10.86 -2.18
C ARG B 166 -16.99 10.05 -0.91
N ASP B 167 -17.96 9.19 -0.58
CA ASP B 167 -17.83 8.29 0.57
C ASP B 167 -16.73 7.26 0.27
N ALA B 168 -15.72 7.18 1.14
CA ALA B 168 -14.58 6.29 0.91
C ALA B 168 -14.93 4.82 1.01
N CYS B 169 -16.10 4.47 1.56
CA CYS B 169 -16.49 3.08 1.74
C CYS B 169 -16.75 2.37 0.42
N PHE B 170 -16.74 3.09 -0.70
CA PHE B 170 -17.03 2.50 -2.02
C PHE B 170 -15.79 1.94 -2.70
N TYR B 171 -14.60 2.16 -2.14
CA TYR B 171 -13.34 1.95 -2.84
C TYR B 171 -12.42 1.05 -2.02
N SER B 172 -11.49 0.36 -2.74
CA SER B 172 -10.48 -0.47 -2.09
C SER B 172 -9.10 0.14 -2.28
N PRO B 173 -8.24 0.09 -1.26
CA PRO B 173 -8.45 -0.53 0.05
C PRO B 173 -9.01 0.43 1.10
N ALA B 174 -9.51 1.62 0.69
CA ALA B 174 -9.95 2.60 1.68
C ALA B 174 -11.03 2.05 2.61
N ARG B 175 -11.88 1.16 2.10
CA ARG B 175 -12.99 0.62 2.89
C ARG B 175 -12.57 -0.45 3.89
N VAL B 176 -11.29 -0.85 3.92
CA VAL B 176 -10.85 -1.90 4.84
C VAL B 176 -10.77 -1.32 6.25
N THR B 177 -11.67 -1.75 7.14
CA THR B 177 -11.78 -1.16 8.49
C THR B 177 -10.46 -1.21 9.24
N ALA B 178 -9.76 -2.33 9.19
CA ALA B 178 -8.56 -2.49 10.01
C ALA B 178 -7.38 -1.67 9.50
N ALA B 179 -7.44 -1.18 8.27
CA ALA B 179 -6.41 -0.27 7.79
C ALA B 179 -6.69 1.14 8.33
N ILE B 180 -5.65 1.96 8.42
CA ILE B 180 -5.80 3.35 8.84
C ILE B 180 -6.05 4.16 7.58
N THR B 181 -7.28 4.61 7.39
CA THR B 181 -7.69 5.31 6.17
C THR B 181 -7.62 6.81 6.43
N VAL B 182 -6.91 7.53 5.56
CA VAL B 182 -6.49 8.90 5.82
C VAL B 182 -7.12 9.87 4.81
N GLY B 183 -7.86 10.89 5.32
CA GLY B 183 -8.35 12.00 4.52
C GLY B 183 -7.36 13.18 4.51
N ALA B 184 -7.61 14.18 3.65
CA ALA B 184 -6.67 15.28 3.47
C ALA B 184 -7.24 16.60 3.94
N THR B 185 -6.39 17.43 4.57
CA THR B 185 -6.77 18.79 4.96
C THR B 185 -5.85 19.83 4.31
N THR B 186 -6.27 21.08 4.42
CA THR B 186 -5.52 22.23 3.93
C THR B 186 -4.86 22.97 5.09
N SER B 187 -4.02 23.94 4.73
CA SER B 187 -3.26 24.69 5.71
C SER B 187 -4.13 25.56 6.61
N THR B 188 -5.40 25.74 6.27
CA THR B 188 -6.34 26.46 7.13
C THR B 188 -7.35 25.53 7.80
N ASP B 189 -7.05 24.22 7.82
CA ASP B 189 -7.80 23.20 8.55
C ASP B 189 -9.15 22.84 7.93
N TYR B 190 -9.36 23.13 6.66
CA TYR B 190 -10.51 22.59 5.95
C TYR B 190 -10.18 21.21 5.40
N ARG B 191 -11.18 20.34 5.34
CA ARG B 191 -11.03 19.15 4.51
C ARG B 191 -10.77 19.64 3.09
N ALA B 192 -9.74 19.09 2.46
CA ALA B 192 -9.47 19.46 1.06
C ALA B 192 -10.67 19.10 0.21
N SER B 193 -10.96 19.95 -0.80
CA SER B 193 -12.23 19.82 -1.52
C SER B 193 -12.38 18.48 -2.20
N PHE B 194 -11.27 17.82 -2.56
CA PHE B 194 -11.28 16.55 -3.26
C PHE B 194 -11.31 15.35 -2.32
N SER B 195 -11.09 15.55 -1.02
CA SER B 195 -10.88 14.40 -0.14
C SER B 195 -12.16 13.60 0.03
N ASN B 196 -12.05 12.28 -0.15
CA ASN B 196 -13.14 11.41 0.27
C ASN B 196 -13.36 11.55 1.77
N TYR B 197 -14.52 11.07 2.22
CA TYR B 197 -14.97 11.31 3.58
C TYR B 197 -15.80 10.13 4.05
N GLY B 198 -16.28 10.22 5.30
CA GLY B 198 -17.27 9.28 5.80
C GLY B 198 -16.73 8.33 6.86
N ARG B 199 -17.57 7.34 7.19
CA ARG B 199 -17.34 6.44 8.33
C ARG B 199 -16.13 5.54 8.14
N CYS B 200 -15.64 5.38 6.91
CA CYS B 200 -14.49 4.53 6.67
C CYS B 200 -13.16 5.23 6.93
N LEU B 201 -13.17 6.56 7.05
CA LEU B 201 -11.95 7.26 7.44
C LEU B 201 -11.62 7.00 8.90
N ASP B 202 -10.34 7.07 9.20
CA ASP B 202 -9.88 7.05 10.60
C ASP B 202 -9.50 8.43 11.09
N LEU B 203 -8.84 9.22 10.26
CA LEU B 203 -8.44 10.58 10.63
C LEU B 203 -8.01 11.33 9.36
N PHE B 204 -7.71 12.62 9.54
CA PHE B 204 -7.22 13.50 8.50
C PHE B 204 -5.77 13.86 8.76
N ALA B 205 -5.08 14.27 7.69
CA ALA B 205 -3.71 14.77 7.78
C ALA B 205 -3.49 15.75 6.63
N PRO B 206 -2.44 16.57 6.70
CA PRO B 206 -2.19 17.55 5.62
C PRO B 206 -2.03 16.90 4.25
N GLY B 207 -2.82 17.38 3.26
CA GLY B 207 -2.74 16.82 1.93
C GLY B 207 -2.85 17.79 0.77
N GLN B 208 -3.04 19.08 1.03
CA GLN B 208 -3.14 20.09 -0.01
C GLN B 208 -1.84 20.88 -0.06
N SER B 209 -1.20 20.89 -1.23
CA SER B 209 0.02 21.65 -1.46
C SER B 209 1.14 21.24 -0.49
N ILE B 210 1.53 19.96 -0.58
CA ILE B 210 2.53 19.36 0.29
C ILE B 210 3.85 19.31 -0.48
N THR B 211 4.93 19.81 0.14
CA THR B 211 6.25 19.85 -0.49
C THR B 211 7.07 18.65 -0.03
N SER B 212 7.71 17.99 -0.98
CA SER B 212 8.53 16.81 -0.69
C SER B 212 9.49 16.57 -1.85
N ALA B 213 10.16 15.41 -1.80
CA ALA B 213 11.15 15.04 -2.81
C ALA B 213 10.50 14.70 -4.15
N TRP B 214 11.32 14.68 -5.21
CA TRP B 214 10.89 14.33 -6.55
C TRP B 214 12.02 13.56 -7.22
N TYR B 215 11.69 12.80 -8.28
CA TYR B 215 12.61 11.79 -8.81
C TYR B 215 13.60 12.32 -9.85
N THR B 216 13.48 13.57 -10.30
CA THR B 216 14.24 14.01 -11.47
C THR B 216 15.72 14.29 -11.20
N SER B 217 16.12 14.44 -9.94
CA SER B 217 17.53 14.55 -9.57
C SER B 217 17.64 14.20 -8.09
N SER B 218 18.88 14.07 -7.62
CA SER B 218 19.08 13.73 -6.22
C SER B 218 18.61 14.82 -5.25
N THR B 219 18.32 16.02 -5.74
CA THR B 219 17.89 17.13 -4.88
C THR B 219 16.54 17.72 -5.31
N ALA B 220 15.86 17.11 -6.28
CA ALA B 220 14.61 17.68 -6.78
C ALA B 220 13.51 17.65 -5.73
N THR B 221 12.62 18.65 -5.80
CA THR B 221 11.44 18.72 -4.94
C THR B 221 10.21 19.00 -5.80
N ASN B 222 9.02 18.80 -5.21
CA ASN B 222 7.77 19.16 -5.88
C ASN B 222 6.72 19.43 -4.80
N THR B 223 5.70 20.20 -5.17
CA THR B 223 4.56 20.51 -4.29
C THR B 223 3.28 20.11 -5.00
N ILE B 224 2.60 19.12 -4.45
CA ILE B 224 1.42 18.50 -5.07
C ILE B 224 0.40 18.19 -3.98
N SER B 225 -0.78 17.75 -4.41
CA SER B 225 -1.91 17.57 -3.51
C SER B 225 -2.59 16.23 -3.74
N GLY B 226 -3.21 15.73 -2.69
CA GLY B 226 -4.00 14.52 -2.79
C GLY B 226 -4.05 13.81 -1.45
N THR B 227 -4.99 12.86 -1.33
CA THR B 227 -4.92 12.00 -0.14
C THR B 227 -3.65 11.16 -0.13
N ALA B 228 -2.98 11.00 -1.28
CA ALA B 228 -1.69 10.34 -1.32
C ALA B 228 -0.63 11.09 -0.54
N MET B 229 -0.81 12.40 -0.34
CA MET B 229 0.13 13.21 0.41
C MET B 229 -0.20 13.23 1.89
N ALA B 230 -1.48 13.04 2.24
CA ALA B 230 -1.87 12.97 3.65
C ALA B 230 -1.42 11.67 4.28
N THR B 231 -1.64 10.57 3.57
CA THR B 231 -1.29 9.23 4.05
C THR B 231 0.12 9.12 4.63
N PRO B 232 1.18 9.57 3.94
CA PRO B 232 2.54 9.39 4.49
C PRO B 232 2.81 10.18 5.77
N HIS B 233 2.05 11.24 6.06
CA HIS B 233 2.21 11.89 7.36
C HIS B 233 1.84 10.92 8.47
N VAL B 234 0.77 10.16 8.24
CA VAL B 234 0.31 9.18 9.23
C VAL B 234 1.27 7.99 9.30
N THR B 235 1.75 7.51 8.15
CA THR B 235 2.74 6.45 8.15
C THR B 235 3.99 6.86 8.92
N GLY B 236 4.46 8.09 8.69
CA GLY B 236 5.61 8.59 9.44
C GLY B 236 5.35 8.65 10.94
N ALA B 237 4.16 9.13 11.33
CA ALA B 237 3.81 9.15 12.75
C ALA B 237 3.72 7.75 13.34
N ALA B 238 3.19 6.79 12.59
CA ALA B 238 3.17 5.41 13.04
C ALA B 238 4.60 4.92 13.28
N ALA B 239 5.52 5.26 12.37
CA ALA B 239 6.92 4.84 12.53
C ALA B 239 7.54 5.44 13.78
N LEU B 240 7.22 6.69 14.11
CA LEU B 240 7.71 7.28 15.36
C LEU B 240 7.19 6.51 16.55
N TYR B 241 5.88 6.21 16.56
CA TYR B 241 5.31 5.46 17.69
C TYR B 241 5.94 4.08 17.79
N LEU B 242 6.17 3.43 16.65
CA LEU B 242 6.78 2.10 16.67
C LEU B 242 8.20 2.13 17.20
N GLN B 243 8.93 3.25 17.06
CA GLN B 243 10.24 3.29 17.70
C GLN B 243 10.10 3.23 19.21
N TRP B 244 9.07 3.90 19.75
CA TRP B 244 8.82 3.85 21.19
C TRP B 244 8.27 2.49 21.63
N TYR B 245 7.47 1.86 20.77
CA TYR B 245 6.75 0.62 21.08
C TYR B 245 6.94 -0.37 19.94
N PRO B 246 8.13 -0.97 19.81
CA PRO B 246 8.41 -1.77 18.62
C PRO B 246 7.60 -3.04 18.49
N THR B 247 7.04 -3.56 19.57
CA THR B 247 6.20 -4.75 19.51
C THR B 247 4.70 -4.44 19.41
N ALA B 248 4.32 -3.19 19.20
CA ALA B 248 2.90 -2.84 19.14
C ALA B 248 2.23 -3.54 17.95
N THR B 249 1.00 -4.02 18.17
CA THR B 249 0.18 -4.58 17.09
C THR B 249 -0.43 -3.45 16.25
N PRO B 250 -0.89 -3.75 15.03
CA PRO B 250 -1.59 -2.71 14.25
C PRO B 250 -2.74 -2.05 15.00
N SER B 251 -3.52 -2.85 15.75
CA SER B 251 -4.60 -2.31 16.57
C SER B 251 -4.08 -1.31 17.58
N GLN B 252 -2.93 -1.61 18.18
CA GLN B 252 -2.37 -0.73 19.21
C GLN B 252 -1.83 0.55 18.59
N VAL B 253 -1.26 0.46 17.38
CA VAL B 253 -0.76 1.65 16.71
C VAL B 253 -1.92 2.57 16.37
N ALA B 254 -2.99 2.01 15.81
CA ALA B 254 -4.16 2.81 15.47
C ALA B 254 -4.78 3.45 16.71
N SER B 255 -4.92 2.69 17.80
CA SER B 255 -5.52 3.25 19.00
CA SER B 255 -5.50 3.24 19.03
C SER B 255 -4.68 4.40 19.54
N ALA B 256 -3.35 4.31 19.44
CA ALA B 256 -2.50 5.38 19.95
C ALA B 256 -2.65 6.62 19.09
N LEU B 257 -2.57 6.47 17.76
CA LEU B 257 -2.69 7.64 16.88
C LEU B 257 -4.06 8.30 17.04
N LEU B 258 -5.12 7.50 17.20
CA LEU B 258 -6.44 8.07 17.36
C LEU B 258 -6.62 8.73 18.72
N TYR B 259 -5.99 8.18 19.76
CA TYR B 259 -6.03 8.86 21.05
C TYR B 259 -5.36 10.24 20.98
N TYR B 260 -4.19 10.28 20.35
CA TYR B 260 -3.41 11.52 20.29
C TYR B 260 -3.95 12.53 19.28
N ALA B 261 -4.85 12.14 18.38
CA ALA B 261 -5.26 13.04 17.31
C ALA B 261 -6.02 14.23 17.89
N THR B 262 -5.86 15.39 17.25
CA THR B 262 -6.56 16.60 17.66
C THR B 262 -8.02 16.50 17.26
N PRO B 263 -8.97 16.60 18.18
CA PRO B 263 -10.38 16.46 17.80
C PRO B 263 -11.02 17.79 17.44
N ASN B 264 -11.97 17.71 16.50
CA ASN B 264 -12.94 18.76 16.23
C ASN B 264 -12.30 20.03 15.66
N VAL B 265 -11.22 19.91 14.90
CA VAL B 265 -10.63 21.07 14.24
C VAL B 265 -10.80 21.06 12.72
N VAL B 266 -11.24 19.96 12.12
CA VAL B 266 -11.36 19.87 10.67
C VAL B 266 -12.70 20.49 10.25
N LYS B 267 -12.64 21.50 9.38
CA LYS B 267 -13.84 22.17 8.91
C LYS B 267 -14.38 21.47 7.68
N ASN B 268 -15.70 21.38 7.58
CA ASN B 268 -16.35 20.72 6.44
C ASN B 268 -15.86 19.28 6.27
N ALA B 269 -15.74 18.57 7.41
CA ALA B 269 -15.16 17.23 7.41
C ALA B 269 -16.01 16.20 6.66
N GLY B 270 -17.29 16.46 6.49
CA GLY B 270 -18.12 15.56 5.71
C GLY B 270 -18.95 14.65 6.59
N ARG B 271 -20.08 14.22 6.04
CA ARG B 271 -21.04 13.37 6.74
C ARG B 271 -20.38 12.10 7.26
N TYR B 272 -20.44 11.90 8.58
CA TYR B 272 -20.00 10.71 9.31
C TYR B 272 -18.49 10.57 9.39
N SER B 273 -17.71 11.57 8.95
CA SER B 273 -16.26 11.49 9.10
C SER B 273 -15.88 11.68 10.57
N PRO B 274 -14.91 10.91 11.08
CA PRO B 274 -14.37 11.22 12.41
C PRO B 274 -13.62 12.53 12.34
N ASN B 275 -13.89 13.43 13.29
CA ASN B 275 -13.26 14.74 13.22
C ASN B 275 -11.97 14.72 14.04
N LEU B 276 -10.92 14.21 13.39
CA LEU B 276 -9.63 13.97 14.02
C LEU B 276 -8.54 14.37 13.04
N LEU B 277 -7.55 15.10 13.54
CA LEU B 277 -6.40 15.53 12.76
C LEU B 277 -5.14 14.98 13.41
N LEU B 278 -4.27 14.37 12.61
CA LEU B 278 -3.01 13.81 13.12
C LEU B 278 -2.26 14.79 14.00
N TYR B 279 -1.81 14.30 15.16
CA TYR B 279 -0.94 15.03 16.06
C TYR B 279 0.15 14.07 16.55
N THR B 280 1.41 14.51 16.50
CA THR B 280 2.52 13.68 16.97
C THR B 280 3.30 14.35 18.09
N PRO B 281 3.37 13.74 19.29
CA PRO B 281 4.26 14.23 20.34
C PRO B 281 5.48 13.32 20.49
N PHE B 282 5.73 12.48 19.48
CA PHE B 282 6.71 11.39 19.62
C PHE B 282 8.13 11.86 19.38
#